data_7HHP
#
_entry.id   7HHP
#
_cell.length_a   41.420
_cell.length_b   42.010
_cell.length_c   159.030
_cell.angle_alpha   90.00
_cell.angle_beta   90.00
_cell.angle_gamma   90.00
#
_symmetry.space_group_name_H-M   'P 21 21 21'
#
loop_
_entity.id
_entity.type
_entity.pdbx_description
1 polymer 'Hepatoma-derived growth factor-related protein 2'
2 non-polymer 'SULFATE ION'
3 non-polymer 1,2-ETHANEDIOL
4 non-polymer N,N-diethyl-2-methylbenzamide
5 water water
#
_entity_poly.entity_id   1
_entity_poly.type   'polypeptide(L)'
_entity_poly.pdbx_seq_one_letter_code
;GMPHAFKPGDLVFAKMKGYPHWPARIDDIADGAVKPPPNKYPIFFFGTHETAFLGPKDLFPYDKSKDKYGKPNKRKGFNE
GLWEIQNNPHASYS
;
_entity_poly.pdbx_strand_id   A,B,C
#
# COMPACT_ATOMS: atom_id res chain seq x y z
N MET A 2 -15.54 4.19 23.20
CA MET A 2 -16.55 4.19 22.12
C MET A 2 -15.91 4.43 20.76
N PRO A 3 -16.49 3.86 19.67
CA PRO A 3 -15.97 4.07 18.30
C PRO A 3 -15.98 5.51 17.78
N HIS A 4 -14.98 5.84 16.97
CA HIS A 4 -15.00 7.13 16.31
C HIS A 4 -15.46 6.87 14.87
N ALA A 5 -15.50 7.92 14.04
CA ALA A 5 -15.63 7.75 12.60
C ALA A 5 -14.38 7.06 12.04
N PHE A 6 -14.51 6.48 10.85
CA PHE A 6 -13.38 5.88 10.17
C PHE A 6 -12.33 6.95 9.88
N LYS A 7 -11.05 6.58 9.97
CA LYS A 7 -9.99 7.52 9.65
C LYS A 7 -8.94 6.77 8.83
N PRO A 8 -8.15 7.45 7.97
CA PRO A 8 -7.06 6.77 7.26
C PRO A 8 -6.14 5.98 8.21
N GLY A 9 -5.73 4.78 7.78
CA GLY A 9 -4.94 3.89 8.61
C GLY A 9 -5.78 2.79 9.26
N ASP A 10 -7.10 3.02 9.42
CA ASP A 10 -7.93 1.99 10.04
C ASP A 10 -7.98 0.71 9.20
N LEU A 11 -7.91 -0.45 9.88
CA LEU A 11 -7.86 -1.75 9.20
C LEU A 11 -9.26 -2.35 9.27
N VAL A 12 -9.70 -3.01 8.18
CA VAL A 12 -11.08 -3.45 8.14
C VAL A 12 -11.12 -4.74 7.33
N PHE A 13 -12.26 -5.41 7.37
CA PHE A 13 -12.67 -6.25 6.27
C PHE A 13 -13.71 -5.45 5.49
N ALA A 14 -13.55 -5.37 4.15
CA ALA A 14 -14.41 -4.56 3.31
C ALA A 14 -15.23 -5.49 2.41
N LYS A 15 -16.54 -5.23 2.32
CA LYS A 15 -17.42 -6.13 1.59
C LYS A 15 -17.78 -5.47 0.25
N MET A 16 -17.53 -6.20 -0.83
CA MET A 16 -18.12 -5.85 -2.11
C MET A 16 -19.00 -6.99 -2.63
N LYS A 17 -20.07 -6.63 -3.36
CA LYS A 17 -20.95 -7.58 -4.02
C LYS A 17 -20.13 -8.66 -4.69
N GLY A 18 -20.45 -9.93 -4.40
CA GLY A 18 -19.85 -11.02 -5.14
C GLY A 18 -18.44 -11.36 -4.65
N TYR A 19 -17.96 -10.71 -3.58
CA TYR A 19 -16.65 -11.09 -3.10
C TYR A 19 -16.75 -11.38 -1.62
N PRO A 20 -15.87 -12.23 -1.04
CA PRO A 20 -15.88 -12.45 0.41
C PRO A 20 -15.45 -11.14 1.09
N HIS A 21 -15.81 -10.94 2.36
CA HIS A 21 -15.27 -9.86 3.17
C HIS A 21 -13.74 -9.88 3.04
N TRP A 22 -13.14 -8.72 2.72
CA TRP A 22 -11.77 -8.73 2.21
C TRP A 22 -10.84 -7.86 3.05
N PRO A 23 -9.64 -8.36 3.44
CA PRO A 23 -8.71 -7.56 4.24
C PRO A 23 -8.38 -6.25 3.50
N ALA A 24 -8.52 -5.14 4.22
CA ALA A 24 -8.38 -3.82 3.65
C ALA A 24 -8.04 -2.73 4.68
N ARG A 25 -7.70 -1.55 4.13
CA ARG A 25 -7.47 -0.43 5.01
C ARG A 25 -8.15 0.80 4.41
N ILE A 26 -8.44 1.80 5.27
CA ILE A 26 -8.82 3.13 4.80
C ILE A 26 -7.55 3.84 4.39
N ASP A 27 -7.50 4.33 3.15
CA ASP A 27 -6.32 5.02 2.65
C ASP A 27 -6.42 6.53 2.86
N ASP A 28 -5.26 7.19 2.85
CA ASP A 28 -5.18 8.62 2.67
C ASP A 28 -5.43 8.94 1.20
N ILE A 29 -5.96 10.14 0.93
CA ILE A 29 -5.99 10.68 -0.43
C ILE A 29 -4.70 11.46 -0.60
N ALA A 30 -3.88 11.12 -1.60
CA ALA A 30 -2.66 11.86 -1.87
C ALA A 30 -3.01 13.26 -2.41
N ASP A 31 -2.19 14.25 -2.04
CA ASP A 31 -2.23 15.56 -2.67
C ASP A 31 -2.34 15.38 -4.18
N GLY A 32 -3.38 16.00 -4.76
CA GLY A 32 -3.56 16.07 -6.21
C GLY A 32 -4.27 14.84 -6.77
N ALA A 33 -4.71 13.94 -5.88
CA ALA A 33 -5.35 12.70 -6.29
C ALA A 33 -6.87 12.86 -6.22
N VAL A 34 -7.58 12.07 -7.04
CA VAL A 34 -9.03 12.09 -7.13
C VAL A 34 -9.65 11.76 -5.77
N LYS A 35 -10.54 12.63 -5.28
CA LYS A 35 -11.23 12.45 -4.02
C LYS A 35 -12.33 11.41 -4.22
N PRO A 36 -12.80 10.74 -3.13
CA PRO A 36 -13.94 9.82 -3.22
C PRO A 36 -15.23 10.63 -3.24
N PRO A 37 -16.37 10.07 -3.70
CA PRO A 37 -17.66 10.76 -3.61
C PRO A 37 -17.96 11.03 -2.14
N PRO A 38 -18.92 11.93 -1.82
CA PRO A 38 -19.37 12.17 -0.45
C PRO A 38 -19.84 10.90 0.28
N ASN A 39 -19.50 10.83 1.56
CA ASN A 39 -19.84 9.70 2.42
C ASN A 39 -19.12 8.41 2.01
N LYS A 40 -18.19 8.45 1.03
CA LYS A 40 -17.40 7.27 0.69
C LYS A 40 -15.96 7.42 1.19
N TYR A 41 -15.31 6.29 1.44
CA TYR A 41 -13.91 6.31 1.87
C TYR A 41 -13.07 5.62 0.81
N PRO A 42 -11.79 5.95 0.61
CA PRO A 42 -10.96 5.18 -0.33
C PRO A 42 -10.50 3.92 0.39
N ILE A 43 -10.85 2.76 -0.18
CA ILE A 43 -10.51 1.50 0.42
C ILE A 43 -9.39 0.85 -0.38
N PHE A 44 -8.27 0.59 0.29
CA PHE A 44 -7.22 -0.20 -0.33
C PHE A 44 -7.33 -1.66 0.09
N PHE A 45 -7.44 -2.55 -0.91
CA PHE A 45 -7.62 -3.99 -0.69
C PHE A 45 -6.24 -4.63 -0.65
N PHE A 46 -5.92 -5.28 0.47
CA PHE A 46 -4.67 -6.03 0.57
C PHE A 46 -4.68 -7.19 -0.43
N GLY A 47 -3.48 -7.60 -0.86
CA GLY A 47 -3.34 -8.74 -1.75
C GLY A 47 -3.54 -8.33 -3.21
N THR A 48 -4.74 -7.83 -3.55
CA THR A 48 -5.02 -7.40 -4.91
C THR A 48 -4.42 -6.03 -5.18
N HIS A 49 -4.30 -5.24 -4.10
CA HIS A 49 -3.79 -3.88 -4.14
C HIS A 49 -4.71 -2.98 -4.95
N GLU A 50 -6.00 -3.34 -5.04
CA GLU A 50 -7.03 -2.53 -5.69
C GLU A 50 -7.62 -1.52 -4.70
N THR A 51 -8.10 -0.40 -5.26
CA THR A 51 -8.83 0.63 -4.53
C THR A 51 -10.28 0.65 -5.01
N ALA A 52 -11.21 0.75 -4.08
CA ALA A 52 -12.56 1.16 -4.37
C ALA A 52 -13.05 2.14 -3.32
N PHE A 53 -14.20 2.74 -3.62
CA PHE A 53 -14.84 3.69 -2.74
C PHE A 53 -16.04 3.03 -2.09
N LEU A 54 -16.02 2.98 -0.74
CA LEU A 54 -17.07 2.34 0.01
C LEU A 54 -17.52 3.21 1.19
N GLY A 55 -18.79 3.07 1.56
CA GLY A 55 -19.35 3.71 2.73
C GLY A 55 -19.29 2.75 3.91
N PRO A 56 -19.55 3.26 5.12
CA PRO A 56 -19.43 2.47 6.36
C PRO A 56 -20.21 1.17 6.46
N LYS A 57 -21.32 1.04 5.70
CA LYS A 57 -22.10 -0.19 5.81
C LYS A 57 -21.31 -1.40 5.33
N ASP A 58 -20.27 -1.17 4.50
CA ASP A 58 -19.49 -2.22 3.89
C ASP A 58 -18.15 -2.41 4.62
N LEU A 59 -17.94 -1.70 5.74
CA LEU A 59 -16.62 -1.68 6.39
C LEU A 59 -16.72 -2.29 7.79
N PHE A 60 -15.98 -3.40 8.03
CA PHE A 60 -16.04 -4.13 9.30
C PHE A 60 -14.69 -4.00 10.01
N PRO A 61 -14.62 -3.33 11.17
CA PRO A 61 -13.35 -3.21 11.90
C PRO A 61 -12.61 -4.54 12.05
N TYR A 62 -11.32 -4.55 11.68
CA TYR A 62 -10.53 -5.77 11.59
C TYR A 62 -10.48 -6.55 12.92
N ASP A 63 -10.17 -5.89 14.04
CA ASP A 63 -10.00 -6.60 15.31
C ASP A 63 -11.28 -7.37 15.68
N LYS A 64 -12.42 -6.68 15.70
CA LYS A 64 -13.69 -7.34 15.97
C LYS A 64 -13.99 -8.50 15.01
N SER A 65 -13.56 -8.44 13.72
CA SER A 65 -14.13 -9.31 12.69
C SER A 65 -13.15 -10.39 12.25
N LYS A 66 -11.89 -10.32 12.68
CA LYS A 66 -10.86 -11.21 12.17
C LYS A 66 -11.13 -12.70 12.42
N ASP A 67 -11.75 -13.02 13.56
N ASP A 67 -11.72 -13.03 13.57
CA ASP A 67 -12.13 -14.39 13.90
CA ASP A 67 -12.11 -14.40 13.86
C ASP A 67 -13.11 -14.97 12.88
C ASP A 67 -13.03 -14.93 12.75
N LYS A 68 -14.02 -14.13 12.39
CA LYS A 68 -14.99 -14.60 11.42
C LYS A 68 -14.43 -14.57 10.00
N TYR A 69 -13.70 -13.50 9.64
CA TYR A 69 -13.45 -13.27 8.22
C TYR A 69 -12.01 -13.56 7.84
N GLY A 70 -11.13 -13.71 8.84
CA GLY A 70 -9.70 -13.84 8.59
C GLY A 70 -9.30 -15.30 8.41
N LYS A 71 -9.85 -15.97 7.40
CA LYS A 71 -9.57 -17.37 7.15
C LYS A 71 -9.22 -17.51 5.68
N PRO A 72 -8.37 -18.50 5.28
CA PRO A 72 -7.94 -18.58 3.88
C PRO A 72 -9.11 -18.74 2.92
N ASN A 73 -8.92 -18.25 1.70
CA ASN A 73 -9.97 -18.19 0.70
C ASN A 73 -9.33 -18.42 -0.66
N LYS A 74 -10.07 -19.07 -1.55
CA LYS A 74 -9.55 -19.51 -2.82
C LYS A 74 -9.25 -18.31 -3.72
N ARG A 75 -9.93 -17.17 -3.48
CA ARG A 75 -9.94 -16.07 -4.43
C ARG A 75 -8.54 -15.44 -4.60
N LYS A 76 -8.28 -14.94 -5.82
CA LYS A 76 -6.98 -14.42 -6.20
C LYS A 76 -6.61 -13.27 -5.28
N GLY A 77 -5.47 -13.42 -4.60
CA GLY A 77 -4.90 -12.32 -3.84
C GLY A 77 -5.35 -12.30 -2.39
N PHE A 78 -6.31 -13.16 -2.00
CA PHE A 78 -6.87 -13.07 -0.67
C PHE A 78 -5.88 -13.45 0.43
N ASN A 79 -5.16 -14.55 0.24
CA ASN A 79 -4.24 -15.06 1.24
C ASN A 79 -3.02 -14.13 1.39
N GLU A 80 -2.57 -13.57 0.26
CA GLU A 80 -1.56 -12.53 0.30
C GLU A 80 -2.11 -11.39 1.16
N GLY A 81 -3.37 -11.06 0.90
CA GLY A 81 -3.99 -9.95 1.63
C GLY A 81 -4.02 -10.22 3.13
N LEU A 82 -4.30 -11.48 3.51
CA LEU A 82 -4.31 -11.82 4.93
C LEU A 82 -2.92 -11.60 5.55
N TRP A 83 -1.85 -11.92 4.80
CA TRP A 83 -0.50 -11.77 5.35
C TRP A 83 -0.26 -10.28 5.57
N GLU A 84 -0.68 -9.48 4.59
CA GLU A 84 -0.37 -8.07 4.58
C GLU A 84 -1.03 -7.37 5.78
N ILE A 85 -2.32 -7.66 5.97
CA ILE A 85 -3.05 -6.94 7.01
C ILE A 85 -2.48 -7.31 8.37
N GLN A 86 -1.99 -8.55 8.51
CA GLN A 86 -1.49 -9.02 9.81
C GLN A 86 -0.04 -8.55 10.01
N ASN A 87 0.78 -8.53 8.93
CA ASN A 87 2.23 -8.38 9.05
C ASN A 87 2.76 -6.98 8.70
N ASN A 88 2.16 -6.27 7.73
CA ASN A 88 2.64 -4.93 7.40
C ASN A 88 1.49 -4.10 6.80
N PRO A 89 0.45 -3.85 7.61
CA PRO A 89 -0.80 -3.22 7.15
C PRO A 89 -0.62 -1.77 6.72
N HIS A 90 0.48 -1.11 7.13
CA HIS A 90 0.63 0.32 6.89
C HIS A 90 1.76 0.63 5.90
N ALA A 91 2.27 -0.40 5.21
CA ALA A 91 3.41 -0.26 4.31
C ALA A 91 2.93 0.33 2.98
N SER A 92 3.88 0.86 2.20
CA SER A 92 3.59 1.26 0.83
C SER A 92 3.52 0.02 -0.05
N TYR A 93 2.42 -0.15 -0.79
CA TYR A 93 2.26 -1.29 -1.66
C TYR A 93 2.21 -0.80 -3.11
N SER A 94 2.65 0.46 -3.31
CA SER A 94 2.75 1.08 -4.62
C SER A 94 3.56 0.16 -5.56
N MET B 2 19.31 38.78 -11.91
CA MET B 2 19.13 39.03 -13.37
C MET B 2 17.69 38.69 -13.75
N PRO B 3 16.87 39.67 -14.23
CA PRO B 3 15.45 39.41 -14.52
C PRO B 3 15.35 38.26 -15.51
N HIS B 4 14.29 37.46 -15.37
CA HIS B 4 14.08 36.31 -16.25
C HIS B 4 12.71 36.41 -16.92
N ALA B 5 12.49 35.56 -17.94
CA ALA B 5 11.20 35.52 -18.59
C ALA B 5 10.13 35.54 -17.50
N PHE B 6 10.29 34.64 -16.53
CA PHE B 6 9.43 34.55 -15.36
C PHE B 6 10.16 35.14 -14.15
N LYS B 7 9.43 35.95 -13.36
CA LYS B 7 9.97 36.57 -12.16
C LYS B 7 9.21 36.08 -10.93
N PRO B 8 9.85 36.03 -9.73
CA PRO B 8 9.20 35.54 -8.52
C PRO B 8 7.92 36.34 -8.29
N GLY B 9 6.82 35.64 -7.99
CA GLY B 9 5.52 36.27 -7.78
C GLY B 9 4.59 36.15 -8.99
N ASP B 10 5.16 35.78 -10.14
CA ASP B 10 4.38 35.54 -11.34
C ASP B 10 3.42 34.36 -11.07
N LEU B 11 2.16 34.53 -11.46
CA LEU B 11 1.19 33.47 -11.21
C LEU B 11 1.07 32.63 -12.47
N VAL B 12 0.99 31.31 -12.30
CA VAL B 12 0.93 30.43 -13.45
C VAL B 12 -0.07 29.31 -13.21
N PHE B 13 -0.38 28.55 -14.27
CA PHE B 13 -0.70 27.14 -14.10
C PHE B 13 0.53 26.33 -14.46
N ALA B 14 0.84 25.32 -13.62
CA ALA B 14 2.04 24.51 -13.80
C ALA B 14 1.65 23.06 -14.06
N LYS B 15 2.36 22.42 -14.99
CA LYS B 15 1.92 21.11 -15.47
C LYS B 15 2.94 20.06 -15.01
N MET B 16 2.42 19.03 -14.33
CA MET B 16 3.21 17.88 -13.95
C MET B 16 2.56 16.65 -14.59
N LYS B 17 3.39 15.69 -14.99
CA LYS B 17 2.87 14.42 -15.49
C LYS B 17 1.97 13.81 -14.42
N GLY B 18 0.76 13.41 -14.82
CA GLY B 18 -0.23 12.76 -13.98
C GLY B 18 -1.27 13.70 -13.38
N TYR B 19 -1.18 15.02 -13.64
CA TYR B 19 -2.08 15.94 -12.96
C TYR B 19 -2.51 17.05 -13.91
N PRO B 20 -3.68 17.70 -13.70
CA PRO B 20 -4.12 18.80 -14.56
C PRO B 20 -3.21 20.00 -14.28
N HIS B 21 -3.00 20.86 -15.28
CA HIS B 21 -2.40 22.19 -15.07
C HIS B 21 -2.86 22.76 -13.73
N TRP B 22 -1.89 23.16 -12.90
CA TRP B 22 -2.19 23.34 -11.49
C TRP B 22 -1.92 24.79 -11.09
N PRO B 23 -2.85 25.53 -10.44
CA PRO B 23 -2.60 26.91 -10.03
C PRO B 23 -1.34 26.96 -9.18
N ALA B 24 -0.40 27.83 -9.56
CA ALA B 24 0.87 27.93 -8.88
C ALA B 24 1.46 29.33 -9.02
N ARG B 25 2.63 29.50 -8.39
CA ARG B 25 3.37 30.74 -8.49
C ARG B 25 4.84 30.40 -8.61
N ILE B 26 5.61 31.33 -9.19
CA ILE B 26 7.07 31.29 -9.17
C ILE B 26 7.47 31.84 -7.81
N ASP B 27 8.30 31.07 -7.10
CA ASP B 27 8.91 31.48 -5.85
C ASP B 27 10.33 32.03 -6.01
N ASP B 28 10.77 32.81 -5.01
N ASP B 28 10.78 32.85 -5.04
CA ASP B 28 12.15 33.24 -4.82
CA ASP B 28 12.17 33.25 -4.90
C ASP B 28 13.01 32.02 -4.53
C ASP B 28 13.01 32.07 -4.41
N ILE B 29 14.34 32.19 -4.53
CA ILE B 29 15.26 31.08 -4.30
C ILE B 29 15.51 30.89 -2.79
N VAL B 34 19.11 24.29 -1.84
CA VAL B 34 19.08 23.91 -3.29
C VAL B 34 18.80 25.17 -4.10
N LYS B 35 19.44 25.29 -5.28
CA LYS B 35 19.02 26.22 -6.30
C LYS B 35 18.43 25.42 -7.47
N PRO B 36 17.48 25.97 -8.27
CA PRO B 36 16.91 25.22 -9.39
C PRO B 36 17.96 24.67 -10.35
N PRO B 37 17.73 23.51 -10.99
CA PRO B 37 18.60 23.08 -12.09
C PRO B 37 18.62 24.20 -13.12
N PRO B 38 19.58 24.23 -14.08
CA PRO B 38 19.58 25.24 -15.14
C PRO B 38 18.29 25.21 -15.97
N ASN B 39 17.76 26.39 -16.32
CA ASN B 39 16.57 26.52 -17.16
C ASN B 39 15.26 26.34 -16.38
N LYS B 40 15.34 25.94 -15.11
CA LYS B 40 14.14 25.59 -14.34
C LYS B 40 13.89 26.65 -13.27
N TYR B 41 12.65 26.66 -12.75
CA TYR B 41 12.25 27.65 -11.75
C TYR B 41 11.67 26.98 -10.51
N PRO B 42 11.80 27.60 -9.31
CA PRO B 42 11.10 27.13 -8.12
C PRO B 42 9.60 27.38 -8.26
N ILE B 43 8.83 26.29 -8.31
CA ILE B 43 7.36 26.40 -8.34
C ILE B 43 6.72 26.11 -6.98
N PHE B 44 5.73 26.94 -6.60
CA PHE B 44 4.91 26.66 -5.43
C PHE B 44 3.48 26.39 -5.89
N PHE B 45 2.96 25.19 -5.56
CA PHE B 45 1.61 24.81 -5.94
C PHE B 45 0.63 25.21 -4.86
N PHE B 46 -0.34 26.06 -5.25
CA PHE B 46 -1.40 26.43 -4.32
C PHE B 46 -2.28 25.21 -3.98
N GLY B 47 -2.90 25.27 -2.79
CA GLY B 47 -3.78 24.21 -2.35
C GLY B 47 -2.96 23.12 -1.65
N THR B 48 -2.05 22.49 -2.38
CA THR B 48 -1.23 21.44 -1.79
C THR B 48 -0.07 22.07 -1.03
N HIS B 49 0.33 23.28 -1.42
CA HIS B 49 1.47 23.97 -0.83
C HIS B 49 2.76 23.17 -0.97
N GLU B 50 2.89 22.36 -2.03
CA GLU B 50 4.12 21.64 -2.32
C GLU B 50 4.94 22.45 -3.32
N THR B 51 6.19 22.03 -3.56
CA THR B 51 7.07 22.73 -4.47
C THR B 51 7.67 21.72 -5.44
N ALA B 52 8.08 22.21 -6.62
CA ALA B 52 8.87 21.42 -7.56
C ALA B 52 9.67 22.38 -8.44
N PHE B 53 10.65 21.84 -9.17
CA PHE B 53 11.34 22.63 -10.19
C PHE B 53 10.76 22.26 -11.56
N LEU B 54 10.32 23.29 -12.31
CA LEU B 54 9.81 23.16 -13.67
C LEU B 54 10.46 24.21 -14.59
N GLY B 55 10.55 23.83 -15.87
CA GLY B 55 11.01 24.68 -16.94
C GLY B 55 9.80 25.35 -17.62
N PRO B 56 10.02 26.42 -18.42
CA PRO B 56 8.93 27.12 -19.10
C PRO B 56 7.91 26.34 -19.93
N LYS B 57 8.29 25.16 -20.45
CA LYS B 57 7.38 24.42 -21.32
C LYS B 57 6.15 24.00 -20.51
N ASP B 58 6.33 24.00 -19.18
CA ASP B 58 5.33 23.47 -18.27
C ASP B 58 4.68 24.60 -17.48
N LEU B 59 4.94 25.86 -17.90
CA LEU B 59 4.49 27.04 -17.16
C LEU B 59 3.61 27.94 -18.03
N PHE B 60 2.36 28.07 -17.61
CA PHE B 60 1.38 28.78 -18.40
C PHE B 60 1.00 30.04 -17.62
N PRO B 61 1.33 31.27 -18.09
CA PRO B 61 0.83 32.50 -17.45
C PRO B 61 -0.66 32.49 -17.06
N TYR B 62 -0.95 32.93 -15.82
CA TYR B 62 -2.24 32.68 -15.20
C TYR B 62 -3.33 33.46 -15.92
N ASP B 63 -3.02 34.73 -16.23
CA ASP B 63 -3.95 35.63 -16.89
C ASP B 63 -4.44 35.01 -18.20
N LYS B 64 -3.47 34.71 -19.07
CA LYS B 64 -3.75 34.15 -20.37
C LYS B 64 -4.56 32.85 -20.26
N SER B 65 -4.29 32.03 -19.24
CA SER B 65 -4.75 30.65 -19.31
C SER B 65 -5.86 30.33 -18.30
N LYS B 66 -6.31 31.32 -17.53
CA LYS B 66 -7.19 31.01 -16.41
C LYS B 66 -8.55 30.48 -16.86
N ASP B 67 -9.02 30.85 -18.04
CA ASP B 67 -10.37 30.42 -18.36
C ASP B 67 -10.31 29.01 -18.93
N LYS B 68 -9.12 28.65 -19.43
CA LYS B 68 -8.90 27.31 -19.94
C LYS B 68 -8.62 26.33 -18.80
N TYR B 69 -7.75 26.70 -17.83
CA TYR B 69 -7.27 25.72 -16.87
C TYR B 69 -7.89 25.90 -15.48
N GLY B 70 -8.69 26.96 -15.29
CA GLY B 70 -9.06 27.33 -13.93
C GLY B 70 -10.46 26.88 -13.56
N LYS B 71 -10.86 25.69 -14.03
CA LYS B 71 -12.13 25.11 -13.68
C LYS B 71 -11.94 24.23 -12.47
N PRO B 72 -12.89 24.20 -11.51
CA PRO B 72 -12.83 23.19 -10.44
C PRO B 72 -12.87 21.76 -10.99
N ASN B 73 -12.22 20.86 -10.24
CA ASN B 73 -12.28 19.42 -10.45
C ASN B 73 -12.27 18.72 -9.08
N LYS B 74 -12.10 17.40 -9.10
CA LYS B 74 -12.16 16.57 -7.89
C LYS B 74 -10.76 16.12 -7.45
N ARG B 75 -9.70 16.82 -7.88
CA ARG B 75 -8.38 16.50 -7.39
C ARG B 75 -8.18 17.20 -6.05
N LYS B 76 -7.63 16.48 -5.07
CA LYS B 76 -7.48 17.00 -3.72
C LYS B 76 -6.51 18.18 -3.71
N GLY B 77 -6.98 19.30 -3.15
CA GLY B 77 -6.20 20.51 -3.00
C GLY B 77 -6.41 21.51 -4.14
N PHE B 78 -7.09 21.09 -5.22
CA PHE B 78 -7.23 21.90 -6.43
C PHE B 78 -8.15 23.08 -6.21
N ASN B 79 -9.36 22.82 -5.68
CA ASN B 79 -10.25 23.95 -5.45
C ASN B 79 -9.65 24.89 -4.40
N GLU B 80 -8.93 24.35 -3.41
CA GLU B 80 -8.22 25.22 -2.48
C GLU B 80 -7.19 26.06 -3.22
N GLY B 81 -6.46 25.44 -4.15
CA GLY B 81 -5.48 26.12 -4.99
C GLY B 81 -6.09 27.29 -5.75
N LEU B 82 -7.30 27.09 -6.30
CA LEU B 82 -7.98 28.11 -7.07
C LEU B 82 -8.38 29.26 -6.15
N TRP B 83 -8.85 28.94 -4.94
CA TRP B 83 -9.12 29.98 -3.96
C TRP B 83 -7.86 30.80 -3.67
N GLU B 84 -6.70 30.14 -3.56
CA GLU B 84 -5.46 30.79 -3.13
C GLU B 84 -4.89 31.74 -4.20
N ILE B 85 -4.89 31.27 -5.45
CA ILE B 85 -4.32 32.05 -6.53
C ILE B 85 -5.19 33.28 -6.80
N GLN B 86 -6.50 33.13 -6.53
CA GLN B 86 -7.48 34.18 -6.74
C GLN B 86 -7.49 35.19 -5.58
N ASN B 87 -7.33 34.75 -4.32
CA ASN B 87 -7.68 35.67 -3.24
C ASN B 87 -6.47 36.15 -2.43
N ASN B 88 -5.38 35.38 -2.44
CA ASN B 88 -4.18 35.72 -1.70
C ASN B 88 -2.97 35.01 -2.28
N PRO B 89 -2.64 35.26 -3.57
CA PRO B 89 -1.54 34.53 -4.22
C PRO B 89 -0.14 34.77 -3.64
N HIS B 90 0.04 35.85 -2.86
CA HIS B 90 1.37 36.24 -2.44
C HIS B 90 1.60 35.95 -0.96
N ALA B 91 0.64 35.25 -0.31
CA ALA B 91 0.74 34.98 1.12
C ALA B 91 1.87 34.01 1.43
N SER B 92 2.28 34.01 2.71
CA SER B 92 3.07 32.92 3.25
C SER B 92 2.18 31.71 3.51
N TYR B 93 2.56 30.56 2.96
CA TYR B 93 1.82 29.32 3.17
C TYR B 93 2.72 28.35 3.95
N SER B 94 3.68 28.92 4.69
CA SER B 94 4.55 28.22 5.60
C SER B 94 3.73 27.42 6.62
N HIS C 4 21.71 -27.01 14.63
CA HIS C 4 20.51 -26.78 15.49
C HIS C 4 20.00 -28.13 15.99
N ALA C 5 18.74 -28.19 16.44
CA ALA C 5 18.06 -29.43 16.74
C ALA C 5 16.55 -29.30 16.53
N PHE C 6 15.91 -30.39 16.08
CA PHE C 6 14.55 -30.29 15.59
C PHE C 6 13.72 -31.47 16.11
N LYS C 7 12.82 -31.21 17.06
CA LYS C 7 11.89 -32.24 17.52
C LYS C 7 10.61 -32.12 16.70
N PRO C 8 9.76 -33.16 16.61
CA PRO C 8 8.48 -33.02 15.89
C PRO C 8 7.73 -31.78 16.41
N GLY C 9 6.95 -31.16 15.52
CA GLY C 9 6.14 -30.00 15.88
C GLY C 9 6.88 -28.66 15.73
N ASP C 10 8.22 -28.67 15.75
CA ASP C 10 9.04 -27.49 15.52
C ASP C 10 8.67 -26.83 14.20
N LEU C 11 8.57 -25.50 14.20
CA LEU C 11 8.14 -24.74 13.06
C LEU C 11 9.35 -24.17 12.33
N VAL C 12 9.38 -24.33 10.99
CA VAL C 12 10.56 -24.02 10.20
C VAL C 12 10.15 -23.40 8.85
N PHE C 13 11.15 -22.85 8.13
CA PHE C 13 11.13 -22.72 6.68
C PHE C 13 12.05 -23.82 6.15
N ALA C 14 11.57 -24.52 5.11
CA ALA C 14 12.27 -25.67 4.57
C ALA C 14 12.55 -25.42 3.09
N LYS C 15 13.79 -25.65 2.67
CA LYS C 15 14.24 -25.30 1.33
C LYS C 15 14.49 -26.58 0.54
N MET C 16 13.77 -26.71 -0.58
CA MET C 16 13.95 -27.77 -1.56
C MET C 16 14.44 -27.12 -2.85
N LYS C 17 15.23 -27.88 -3.62
CA LYS C 17 15.62 -27.35 -4.93
C LYS C 17 14.35 -27.16 -5.76
N GLY C 18 14.23 -25.97 -6.36
CA GLY C 18 13.12 -25.71 -7.27
C GLY C 18 12.02 -24.88 -6.63
N TYR C 19 12.19 -24.50 -5.35
CA TYR C 19 11.13 -23.91 -4.53
C TYR C 19 11.72 -22.89 -3.55
N PRO C 20 11.00 -21.80 -3.27
CA PRO C 20 11.44 -20.82 -2.27
C PRO C 20 11.44 -21.48 -0.89
N HIS C 21 12.13 -20.86 0.08
CA HIS C 21 12.07 -21.35 1.45
C HIS C 21 10.60 -21.39 1.87
N TRP C 22 10.11 -22.58 2.30
CA TRP C 22 8.68 -22.80 2.41
C TRP C 22 8.30 -22.97 3.88
N PRO C 23 7.16 -22.39 4.33
CA PRO C 23 6.71 -22.61 5.71
C PRO C 23 6.32 -24.07 5.97
N ALA C 24 6.82 -24.64 7.06
CA ALA C 24 6.66 -26.07 7.29
C ALA C 24 6.83 -26.36 8.78
N ARG C 25 6.65 -27.63 9.16
CA ARG C 25 7.03 -28.13 10.49
C ARG C 25 7.64 -29.53 10.37
N ILE C 26 8.41 -29.91 11.40
CA ILE C 26 8.94 -31.24 11.60
C ILE C 26 7.80 -32.18 12.00
N ASP C 27 7.67 -33.30 11.29
CA ASP C 27 6.69 -34.34 11.58
C ASP C 27 7.21 -35.35 12.60
N ASP C 28 6.28 -36.21 13.06
CA ASP C 28 6.56 -37.42 13.83
C ASP C 28 7.08 -38.47 12.86
N ILE C 29 7.76 -39.51 13.38
CA ILE C 29 8.29 -40.58 12.55
C ILE C 29 7.15 -41.53 12.14
N LYS C 35 11.31 -45.68 7.58
CA LYS C 35 12.16 -44.77 8.41
C LYS C 35 12.89 -43.82 7.46
N PRO C 36 13.36 -42.64 7.93
CA PRO C 36 13.98 -41.65 7.05
C PRO C 36 15.22 -42.15 6.31
N PRO C 37 15.67 -41.50 5.21
CA PRO C 37 17.07 -41.64 4.79
C PRO C 37 17.95 -41.14 5.94
N PRO C 38 19.18 -41.67 6.08
CA PRO C 38 20.09 -41.24 7.16
C PRO C 38 20.13 -39.73 7.31
N ASN C 39 19.88 -39.28 8.55
CA ASN C 39 20.09 -37.89 8.96
C ASN C 39 19.11 -36.93 8.28
N LYS C 40 17.91 -37.44 7.92
CA LYS C 40 16.91 -36.57 7.32
C LYS C 40 15.69 -36.50 8.23
N TYR C 41 15.02 -35.33 8.24
CA TYR C 41 13.78 -35.18 8.99
C TYR C 41 12.58 -35.26 8.05
N PRO C 42 11.42 -35.74 8.58
CA PRO C 42 10.17 -35.75 7.83
C PRO C 42 9.60 -34.35 8.01
N ILE C 43 9.33 -33.71 6.87
CA ILE C 43 8.82 -32.35 6.80
C ILE C 43 7.38 -32.39 6.27
N PHE C 44 6.52 -31.60 6.90
CA PHE C 44 5.19 -31.33 6.38
C PHE C 44 5.16 -29.87 5.94
N PHE C 45 4.68 -29.62 4.72
CA PHE C 45 4.70 -28.28 4.17
C PHE C 45 3.34 -27.65 4.37
N PHE C 46 3.32 -26.45 4.99
CA PHE C 46 2.05 -25.75 5.11
C PHE C 46 1.55 -25.32 3.74
N GLY C 47 0.23 -25.15 3.64
CA GLY C 47 -0.35 -24.64 2.42
C GLY C 47 -0.54 -25.76 1.40
N THR C 48 0.56 -26.41 0.99
CA THR C 48 0.37 -27.52 0.06
C THR C 48 -0.01 -28.78 0.83
N HIS C 49 0.38 -28.85 2.11
CA HIS C 49 0.19 -30.00 2.99
C HIS C 49 0.81 -31.28 2.41
N GLU C 50 1.96 -31.16 1.72
CA GLU C 50 2.69 -32.32 1.24
C GLU C 50 3.83 -32.62 2.20
N THR C 51 4.52 -33.77 2.01
CA THR C 51 5.60 -34.19 2.91
C THR C 51 6.87 -34.46 2.11
N ALA C 52 8.03 -34.43 2.76
CA ALA C 52 9.31 -34.77 2.15
C ALA C 52 10.34 -35.01 3.25
N PHE C 53 11.50 -35.57 2.88
CA PHE C 53 12.61 -35.76 3.81
C PHE C 53 13.66 -34.71 3.47
N LEU C 54 14.12 -33.97 4.49
CA LEU C 54 15.10 -32.91 4.32
C LEU C 54 16.16 -33.03 5.42
N GLY C 55 17.41 -32.72 5.07
CA GLY C 55 18.49 -32.63 6.03
C GLY C 55 18.49 -31.28 6.73
N PRO C 56 19.18 -31.17 7.89
CA PRO C 56 19.01 -30.03 8.79
C PRO C 56 19.45 -28.70 8.16
N LYS C 57 20.39 -28.79 7.23
CA LYS C 57 20.91 -27.64 6.51
C LYS C 57 19.81 -26.95 5.71
N ASP C 58 18.77 -27.72 5.38
CA ASP C 58 17.70 -27.25 4.52
C ASP C 58 16.60 -26.62 5.36
N LEU C 59 16.87 -26.50 6.67
CA LEU C 59 15.82 -26.14 7.63
C LEU C 59 16.26 -24.90 8.42
N PHE C 60 15.27 -24.08 8.81
CA PHE C 60 15.47 -22.77 9.43
C PHE C 60 14.35 -22.53 10.45
N PRO C 61 14.65 -22.40 11.77
CA PRO C 61 13.59 -22.20 12.76
C PRO C 61 12.81 -20.95 12.39
N TYR C 62 11.48 -21.05 12.59
CA TYR C 62 10.47 -20.14 12.11
C TYR C 62 10.61 -18.77 12.75
N ASP C 63 10.74 -18.72 14.08
CA ASP C 63 10.86 -17.44 14.78
C ASP C 63 12.14 -16.73 14.38
N LYS C 64 13.20 -17.51 14.13
CA LYS C 64 14.51 -16.96 13.84
C LYS C 64 14.57 -16.37 12.44
N SER C 65 13.87 -16.96 11.47
CA SER C 65 14.09 -16.59 10.08
C SER C 65 12.86 -16.01 9.40
N LYS C 66 11.73 -15.91 10.12
CA LYS C 66 10.50 -15.41 9.48
C LYS C 66 10.72 -14.02 8.90
N ASP C 67 11.48 -13.15 9.58
CA ASP C 67 11.74 -11.80 9.07
C ASP C 67 12.27 -11.85 7.63
N LYS C 68 12.99 -12.93 7.27
CA LYS C 68 13.61 -13.05 5.96
C LYS C 68 12.77 -13.86 4.97
N TYR C 69 12.22 -15.02 5.39
CA TYR C 69 11.52 -15.90 4.44
C TYR C 69 10.00 -15.73 4.52
N GLY C 70 9.51 -15.15 5.62
CA GLY C 70 8.07 -15.05 5.81
C GLY C 70 7.58 -13.79 5.12
N LYS C 71 7.57 -13.83 3.78
CA LYS C 71 7.05 -12.76 2.94
C LYS C 71 6.27 -13.44 1.82
N PRO C 72 5.19 -12.83 1.29
CA PRO C 72 4.37 -13.52 0.30
C PRO C 72 5.13 -13.89 -0.96
N ASN C 73 4.68 -14.94 -1.63
CA ASN C 73 5.01 -15.07 -3.04
C ASN C 73 3.92 -15.86 -3.74
N LYS C 74 4.07 -15.99 -5.06
CA LYS C 74 2.96 -16.34 -5.92
C LYS C 74 2.92 -17.85 -6.15
N ARG C 75 3.88 -18.59 -5.56
CA ARG C 75 3.92 -20.03 -5.75
C ARG C 75 2.69 -20.65 -5.10
N LYS C 76 2.16 -21.67 -5.79
CA LYS C 76 0.92 -22.34 -5.42
C LYS C 76 0.98 -22.80 -3.97
N GLY C 77 -0.01 -22.35 -3.17
CA GLY C 77 -0.18 -22.84 -1.81
C GLY C 77 0.66 -22.04 -0.80
N PHE C 78 1.59 -21.21 -1.27
CA PHE C 78 2.54 -20.59 -0.36
C PHE C 78 1.85 -19.67 0.66
N ASN C 79 0.99 -18.78 0.14
CA ASN C 79 0.42 -17.73 0.96
C ASN C 79 -0.53 -18.34 2.00
N GLU C 80 -1.24 -19.40 1.59
CA GLU C 80 -2.08 -20.12 2.54
C GLU C 80 -1.20 -20.75 3.61
N GLY C 81 -0.03 -21.27 3.18
CA GLY C 81 0.98 -21.82 4.09
C GLY C 81 1.45 -20.78 5.10
N LEU C 82 1.66 -19.55 4.64
CA LEU C 82 2.06 -18.46 5.55
C LEU C 82 0.97 -18.24 6.60
N TRP C 83 -0.31 -18.29 6.19
CA TRP C 83 -1.40 -18.13 7.15
C TRP C 83 -1.39 -19.24 8.21
N GLU C 84 -1.30 -20.50 7.73
CA GLU C 84 -1.29 -21.68 8.59
C GLU C 84 -0.19 -21.60 9.66
N ILE C 85 1.03 -21.23 9.25
CA ILE C 85 2.18 -21.31 10.15
C ILE C 85 2.14 -20.21 11.22
N GLN C 86 1.46 -19.11 10.92
CA GLN C 86 1.24 -18.04 11.89
C GLN C 86 -0.02 -18.29 12.72
N ASN C 87 -1.05 -18.92 12.14
CA ASN C 87 -2.40 -18.83 12.69
C ASN C 87 -3.00 -20.19 13.06
N ASN C 88 -2.40 -21.30 12.60
CA ASN C 88 -2.99 -22.61 12.92
C ASN C 88 -1.90 -23.67 12.78
N PRO C 89 -0.71 -23.50 13.42
CA PRO C 89 0.45 -24.30 13.07
C PRO C 89 0.43 -25.79 13.43
N HIS C 90 -0.52 -26.18 14.31
CA HIS C 90 -0.56 -27.56 14.79
C HIS C 90 -1.91 -28.21 14.50
N ALA C 91 -2.62 -27.75 13.46
CA ALA C 91 -3.82 -28.42 13.00
C ALA C 91 -3.47 -29.63 12.12
N SER C 92 -4.50 -30.35 11.67
CA SER C 92 -4.41 -31.67 11.07
C SER C 92 -4.08 -31.63 9.58
N TYR C 93 -4.94 -30.96 8.80
CA TYR C 93 -4.87 -30.89 7.35
C TYR C 93 -4.74 -32.31 6.77
#